data_6UFS
#
_entry.id   6UFS
#
_cell.length_a   35.661
_cell.length_b   73.481
_cell.length_c   95.027
_cell.angle_alpha   90.000
_cell.angle_beta   90.000
_cell.angle_gamma   90.000
#
_symmetry.space_group_name_H-M   'P 21 21 21'
#
loop_
_entity.id
_entity.type
_entity.pdbx_description
1 polymer 'Steroid Delta-isomerase'
2 non-polymer 5alpha-dihydronandrolone
3 water water
#
_entity_poly.entity_id   1
_entity_poly.type   'polypeptide(L)'
_entity_poly.pdbx_seq_one_letter_code
;MNLPTAQEVQGLMARYIELVDVGDIEAIVQMYADDATVEDPFGQPPIHGREQIAAFYRQGLGGGKVRACLTGPVRASHNG
CGAMPFRVEMVWNGQPCALDVIDVMRFDEHGRIQTMQAYWSEVNLSVREPQLVPR
;
_entity_poly.pdbx_strand_id   A,B
#
# COMPACT_ATOMS: atom_id res chain seq x y z
N MET A 1 6.39 23.16 6.47
CA MET A 1 6.31 21.89 7.22
C MET A 1 7.65 21.15 7.13
N ASN A 2 7.93 20.31 8.13
CA ASN A 2 9.13 19.44 8.20
C ASN A 2 8.77 18.06 7.62
N LEU A 3 9.64 17.07 7.77
CA LEU A 3 9.27 15.71 7.39
C LEU A 3 8.03 15.30 8.17
N PRO A 4 6.95 14.91 7.51
CA PRO A 4 5.68 14.71 8.22
C PRO A 4 5.75 13.58 9.22
N THR A 5 5.19 13.83 10.40
CA THR A 5 5.00 12.75 11.37
C THR A 5 3.96 11.76 10.85
N ALA A 6 3.82 10.62 11.53
CA ALA A 6 2.80 9.66 11.11
C ALA A 6 1.43 10.32 11.03
N GLN A 7 1.08 11.11 12.05
CA GLN A 7 -0.24 11.78 12.05
C GLN A 7 -0.33 12.76 10.87
N GLU A 8 0.76 13.47 10.59
CA GLU A 8 0.74 14.43 9.49
C GLU A 8 0.63 13.73 8.14
N VAL A 9 1.26 12.55 8.00
CA VAL A 9 1.09 11.78 6.78
C VAL A 9 -0.37 11.41 6.59
N GLN A 10 -1.03 10.92 7.64
CA GLN A 10 -2.44 10.59 7.56
C GLN A 10 -3.26 11.77 7.06
N GLY A 11 -2.96 12.97 7.55
CA GLY A 11 -3.70 14.14 7.12
C GLY A 11 -3.42 14.51 5.67
N LEU A 12 -2.13 14.48 5.28
CA LEU A 12 -1.76 14.87 3.93
C LEU A 12 -2.34 13.91 2.91
N MET A 13 -2.29 12.61 3.20
CA MET A 13 -2.78 11.67 2.21
C MET A 13 -4.31 11.70 2.10
N ALA A 14 -5.02 11.96 3.20
CA ALA A 14 -6.46 12.18 3.13
C ALA A 14 -6.79 13.43 2.32
N ARG A 15 -6.03 14.50 2.53
N ARG A 15 -6.03 14.51 2.52
CA ARG A 15 -6.22 15.73 1.77
CA ARG A 15 -6.29 15.72 1.73
C ARG A 15 -6.04 15.48 0.28
C ARG A 15 -6.07 15.46 0.25
N TYR A 16 -5.04 14.68 -0.08
CA TYR A 16 -4.80 14.35 -1.47
C TYR A 16 -6.01 13.70 -2.10
N ILE A 17 -6.66 12.77 -1.39
CA ILE A 17 -7.85 12.13 -1.94
C ILE A 17 -8.98 13.14 -2.12
N GLU A 18 -9.13 14.07 -1.17
CA GLU A 18 -10.13 15.12 -1.32
C GLU A 18 -9.88 15.96 -2.57
N LEU A 19 -8.61 16.23 -2.87
CA LEU A 19 -8.31 17.04 -4.06
C LEU A 19 -8.57 16.26 -5.33
N VAL A 20 -8.27 14.96 -5.34
CA VAL A 20 -8.66 14.11 -6.47
C VAL A 20 -10.17 14.13 -6.64
N ASP A 21 -10.90 13.99 -5.53
CA ASP A 21 -12.35 13.86 -5.59
C ASP A 21 -13.00 15.11 -6.17
N VAL A 22 -12.45 16.29 -5.85
CA VAL A 22 -13.02 17.51 -6.39
C VAL A 22 -12.41 17.87 -7.75
N GLY A 23 -11.30 17.23 -8.12
CA GLY A 23 -10.67 17.49 -9.40
C GLY A 23 -9.83 18.73 -9.47
N ASP A 24 -9.20 19.13 -8.35
CA ASP A 24 -8.37 20.33 -8.31
C ASP A 24 -6.95 19.94 -8.69
N ILE A 25 -6.71 19.89 -10.00
CA ILE A 25 -5.41 19.45 -10.52
C ILE A 25 -4.30 20.38 -10.02
N GLU A 26 -4.56 21.69 -10.02
N GLU A 26 -4.55 21.68 -10.03
CA GLU A 26 -3.52 22.62 -9.59
CA GLU A 26 -3.53 22.64 -9.59
C GLU A 26 -3.13 22.36 -8.14
C GLU A 26 -3.13 22.36 -8.14
N ALA A 27 -4.11 22.07 -7.27
CA ALA A 27 -3.80 21.84 -5.87
C ALA A 27 -3.10 20.51 -5.67
N ILE A 28 -3.46 19.50 -6.47
CA ILE A 28 -2.76 18.21 -6.42
C ILE A 28 -1.28 18.42 -6.75
N VAL A 29 -1.03 19.11 -7.86
CA VAL A 29 0.36 19.30 -8.31
C VAL A 29 1.17 20.05 -7.27
N GLN A 30 0.54 21.01 -6.59
CA GLN A 30 1.25 21.74 -5.55
C GLN A 30 1.58 20.88 -4.34
N MET A 31 0.90 19.75 -4.14
CA MET A 31 1.27 18.84 -3.07
C MET A 31 2.55 18.07 -3.39
N TYR A 32 2.90 17.97 -4.67
CA TYR A 32 4.09 17.26 -5.10
C TYR A 32 5.32 18.15 -5.00
N ALA A 33 6.44 17.55 -4.62
CA ALA A 33 7.72 18.21 -4.71
C ALA A 33 8.04 18.52 -6.16
N ASP A 34 8.85 19.56 -6.38
CA ASP A 34 9.02 20.05 -7.75
C ASP A 34 9.60 18.99 -8.68
N ASP A 35 10.41 18.05 -8.15
CA ASP A 35 11.08 17.00 -8.91
C ASP A 35 10.55 15.61 -8.54
N ALA A 36 9.27 15.54 -8.18
CA ALA A 36 8.67 14.29 -7.73
C ALA A 36 8.56 13.27 -8.85
N THR A 37 8.40 12.00 -8.47
N THR A 37 8.34 12.01 -8.45
CA THR A 37 8.14 10.95 -9.43
CA THR A 37 8.17 10.90 -9.37
C THR A 37 6.81 10.28 -9.11
C THR A 37 6.83 10.23 -9.10
N VAL A 38 6.07 9.95 -10.16
CA VAL A 38 4.80 9.26 -10.05
C VAL A 38 4.88 7.98 -10.87
N GLU A 39 4.41 6.87 -10.31
CA GLU A 39 4.30 5.62 -11.05
C GLU A 39 2.86 5.15 -10.93
N ASP A 40 2.11 5.24 -12.02
CA ASP A 40 0.66 5.07 -11.92
C ASP A 40 0.12 4.60 -13.26
N PRO A 41 -0.23 3.31 -13.40
CA PRO A 41 -0.09 2.30 -12.34
C PRO A 41 1.35 1.87 -12.14
N PHE A 42 1.65 1.41 -10.93
CA PHE A 42 2.97 0.85 -10.68
C PHE A 42 3.25 -0.25 -11.70
N GLY A 43 4.46 -0.23 -12.24
CA GLY A 43 4.83 -1.07 -13.36
C GLY A 43 4.99 -0.30 -14.65
N GLN A 44 4.36 0.86 -14.75
CA GLN A 44 4.50 1.74 -15.90
C GLN A 44 5.68 2.68 -15.70
N PRO A 45 6.20 3.26 -16.77
CA PRO A 45 7.37 4.11 -16.64
C PRO A 45 7.08 5.28 -15.72
N PRO A 46 8.04 5.65 -14.88
CA PRO A 46 7.83 6.79 -13.98
C PRO A 46 7.71 8.09 -14.74
N ILE A 47 6.89 8.97 -14.17
CA ILE A 47 6.65 10.37 -14.65
C ILE A 47 7.45 11.27 -13.71
N HIS A 48 8.18 12.25 -14.27
CA HIS A 48 9.10 13.06 -13.48
C HIS A 48 8.75 14.53 -13.54
N GLY A 49 8.57 15.15 -12.38
CA GLY A 49 8.51 16.60 -12.32
C GLY A 49 7.10 17.13 -12.43
N ARG A 50 6.91 18.35 -11.93
CA ARG A 50 5.57 18.91 -11.85
C ARG A 50 4.93 19.13 -13.21
N GLU A 51 5.71 19.52 -14.23
CA GLU A 51 5.09 19.71 -15.55
C GLU A 51 4.47 18.41 -16.03
N GLN A 52 5.25 17.31 -15.98
N GLN A 52 5.25 17.32 -16.01
CA GLN A 52 4.76 16.02 -16.44
CA GLN A 52 4.71 16.05 -16.47
C GLN A 52 3.66 15.46 -15.54
C GLN A 52 3.59 15.56 -15.56
N ILE A 53 3.75 15.72 -14.24
CA ILE A 53 2.71 15.26 -13.32
C ILE A 53 1.41 16.01 -13.55
N ALA A 54 1.49 17.33 -13.79
CA ALA A 54 0.29 18.10 -14.10
C ALA A 54 -0.36 17.58 -15.38
N ALA A 55 0.44 17.32 -16.42
CA ALA A 55 -0.14 16.83 -17.67
C ALA A 55 -0.84 15.50 -17.45
N PHE A 56 -0.24 14.63 -16.63
CA PHE A 56 -0.82 13.34 -16.32
C PHE A 56 -2.17 13.48 -15.62
N TYR A 57 -2.22 14.31 -14.57
CA TYR A 57 -3.48 14.47 -13.84
C TYR A 57 -4.52 15.20 -14.69
N ARG A 58 -4.08 16.07 -15.59
CA ARG A 58 -5.01 16.73 -16.50
C ARG A 58 -5.69 15.71 -17.40
N GLN A 59 -4.94 14.73 -17.92
CA GLN A 59 -5.58 13.72 -18.76
C GLN A 59 -6.51 12.84 -17.95
N GLY A 60 -6.12 12.53 -16.72
CA GLY A 60 -6.90 11.60 -15.92
C GLY A 60 -8.11 12.23 -15.27
N LEU A 61 -7.97 13.48 -14.81
CA LEU A 61 -9.05 14.16 -14.10
C LEU A 61 -9.69 15.28 -14.89
N GLY A 62 -8.96 15.86 -15.85
CA GLY A 62 -9.42 17.01 -16.63
C GLY A 62 -10.73 16.77 -17.35
N GLY A 63 -10.97 15.53 -17.79
CA GLY A 63 -12.19 15.20 -18.51
C GLY A 63 -13.45 15.18 -17.65
N GLY A 64 -13.33 15.48 -16.36
CA GLY A 64 -14.43 15.28 -15.45
C GLY A 64 -14.63 13.79 -15.20
N LYS A 65 -15.78 13.48 -14.62
CA LYS A 65 -16.30 12.12 -14.52
C LYS A 65 -15.64 11.30 -13.41
N VAL A 66 -14.96 11.90 -12.42
CA VAL A 66 -14.15 11.13 -11.48
C VAL A 66 -14.45 11.54 -10.05
N ARG A 67 -14.75 10.55 -9.19
CA ARG A 67 -14.86 10.73 -7.76
C ARG A 67 -13.87 9.78 -7.09
N ALA A 68 -13.45 10.11 -5.87
CA ALA A 68 -12.56 9.23 -5.13
C ALA A 68 -12.81 9.34 -3.63
N CYS A 69 -12.68 8.23 -2.92
CA CYS A 69 -12.92 8.22 -1.49
CA CYS A 69 -12.87 8.25 -1.48
C CYS A 69 -12.09 7.12 -0.83
N LEU A 70 -11.53 7.43 0.33
CA LEU A 70 -10.84 6.41 1.11
C LEU A 70 -11.77 5.25 1.42
N THR A 71 -11.23 4.03 1.40
CA THR A 71 -11.97 2.84 1.78
C THR A 71 -11.32 2.16 2.98
N GLY A 72 -10.51 2.90 3.71
CA GLY A 72 -9.86 2.42 4.91
C GLY A 72 -8.89 3.49 5.39
N PRO A 73 -8.34 3.30 6.58
CA PRO A 73 -7.44 4.32 7.14
C PRO A 73 -6.12 4.40 6.39
N VAL A 74 -5.55 5.59 6.42
CA VAL A 74 -4.19 5.77 5.93
C VAL A 74 -3.24 5.07 6.89
N ARG A 75 -2.36 4.23 6.34
CA ARG A 75 -1.28 3.63 7.12
C ARG A 75 -0.06 4.53 7.01
N ALA A 76 0.55 4.88 8.14
CA ALA A 76 1.62 5.87 8.13
C ALA A 76 2.85 5.30 8.80
N SER A 77 4.00 5.79 8.40
CA SER A 77 5.28 5.39 8.97
C SER A 77 5.83 6.52 9.82
N HIS A 78 7.01 6.26 10.41
CA HIS A 78 7.75 7.29 11.11
C HIS A 78 8.83 7.93 10.26
N ASN A 79 8.95 7.56 8.99
CA ASN A 79 9.93 8.16 8.10
C ASN A 79 9.26 8.93 6.96
N GLY A 80 8.10 9.51 7.24
CA GLY A 80 7.43 10.38 6.28
C GLY A 80 6.74 9.68 5.13
N CYS A 81 6.40 8.41 5.29
CA CYS A 81 5.82 7.61 4.22
C CYS A 81 4.45 7.09 4.64
N GLY A 82 3.64 6.71 3.65
CA GLY A 82 2.38 6.10 4.03
C GLY A 82 1.75 5.38 2.87
N ALA A 83 0.64 4.69 3.15
CA ALA A 83 -0.08 3.94 2.13
C ALA A 83 -1.57 4.02 2.43
N MET A 84 -2.39 4.08 1.39
CA MET A 84 -3.82 4.25 1.62
C MET A 84 -4.65 3.48 0.61
N PRO A 85 -5.77 2.88 1.05
CA PRO A 85 -6.70 2.24 0.11
C PRO A 85 -7.83 3.17 -0.25
N PHE A 86 -8.20 3.22 -1.52
CA PHE A 86 -9.32 4.05 -1.92
C PHE A 86 -9.98 3.46 -3.15
N ARG A 87 -11.14 4.02 -3.49
CA ARG A 87 -11.90 3.61 -4.65
C ARG A 87 -12.20 4.84 -5.49
N VAL A 88 -11.93 4.71 -6.78
CA VAL A 88 -12.21 5.79 -7.76
C VAL A 88 -13.47 5.39 -8.51
N GLU A 89 -14.43 6.30 -8.57
CA GLU A 89 -15.64 6.09 -9.36
C GLU A 89 -15.55 6.94 -10.61
N MET A 90 -15.65 6.30 -11.76
CA MET A 90 -15.53 7.00 -13.02
C MET A 90 -16.46 6.33 -14.02
N VAL A 91 -16.22 6.58 -15.30
CA VAL A 91 -17.04 6.03 -16.37
C VAL A 91 -16.17 5.11 -17.21
N TRP A 92 -16.68 3.92 -17.47
CA TRP A 92 -16.06 2.95 -18.38
C TRP A 92 -17.15 2.46 -19.32
N ASN A 93 -16.89 2.56 -20.62
CA ASN A 93 -17.85 2.11 -21.64
C ASN A 93 -19.22 2.73 -21.41
N GLY A 94 -19.24 4.01 -21.06
CA GLY A 94 -20.49 4.75 -20.94
C GLY A 94 -21.33 4.44 -19.72
N GLN A 95 -20.79 3.70 -18.76
CA GLN A 95 -21.51 3.33 -17.56
C GLN A 95 -20.61 3.59 -16.36
N PRO A 96 -21.18 3.68 -15.15
CA PRO A 96 -20.32 3.84 -13.98
C PRO A 96 -19.42 2.64 -13.81
N CYS A 97 -18.23 2.90 -13.26
CA CYS A 97 -17.34 1.83 -12.87
C CYS A 97 -16.62 2.25 -11.60
N ALA A 98 -16.02 1.26 -10.94
CA ALA A 98 -15.23 1.50 -9.74
C ALA A 98 -13.85 0.91 -9.93
N LEU A 99 -12.83 1.61 -9.46
CA LEU A 99 -11.46 1.11 -9.53
C LEU A 99 -10.86 1.17 -8.14
N ASP A 100 -10.41 0.02 -7.64
CA ASP A 100 -9.79 -0.04 -6.31
C ASP A 100 -8.29 0.16 -6.45
N VAL A 101 -7.74 1.07 -5.65
CA VAL A 101 -6.35 1.49 -5.78
C VAL A 101 -5.73 1.57 -4.38
N ILE A 102 -4.42 1.32 -4.31
CA ILE A 102 -3.63 1.71 -3.13
C ILE A 102 -2.52 2.65 -3.60
N ASP A 103 -2.45 3.84 -3.01
CA ASP A 103 -1.36 4.77 -3.25
C ASP A 103 -0.35 4.66 -2.12
N VAL A 104 0.93 4.57 -2.47
CA VAL A 104 2.04 4.62 -1.52
C VAL A 104 2.78 5.93 -1.79
N MET A 105 3.10 6.68 -0.72
N MET A 105 3.05 6.68 -0.72
CA MET A 105 3.68 8.00 -0.91
CA MET A 105 3.68 7.99 -0.88
C MET A 105 4.80 8.25 0.08
C MET A 105 4.87 8.13 0.06
N ARG A 106 5.90 8.81 -0.41
CA ARG A 106 7.02 9.26 0.42
C ARG A 106 7.05 10.78 0.38
N PHE A 107 7.06 11.40 1.55
CA PHE A 107 7.11 12.86 1.64
C PHE A 107 8.52 13.32 1.95
N ASP A 108 8.84 14.54 1.53
CA ASP A 108 10.15 15.11 1.82
C ASP A 108 10.10 15.95 3.09
N GLU A 109 11.24 16.59 3.40
CA GLU A 109 11.36 17.40 4.61
C GLU A 109 10.60 18.72 4.54
N HIS A 110 9.97 19.01 3.40
CA HIS A 110 9.09 20.16 3.29
C HIS A 110 7.63 19.75 3.26
N GLY A 111 7.33 18.48 3.50
CA GLY A 111 5.96 18.02 3.52
C GLY A 111 5.33 17.88 2.16
N ARG A 112 6.15 17.77 1.10
CA ARG A 112 5.64 17.59 -0.25
C ARG A 112 5.90 16.16 -0.68
N ILE A 113 5.08 15.67 -1.61
CA ILE A 113 5.22 14.30 -2.08
C ILE A 113 6.45 14.18 -2.95
N GLN A 114 7.41 13.36 -2.54
CA GLN A 114 8.59 13.07 -3.34
C GLN A 114 8.35 11.94 -4.33
N THR A 115 7.73 10.84 -3.88
CA THR A 115 7.40 9.74 -4.77
C THR A 115 6.00 9.25 -4.47
N MET A 116 5.30 8.81 -5.52
CA MET A 116 4.01 8.16 -5.35
C MET A 116 3.96 6.94 -6.25
N GLN A 117 3.44 5.84 -5.72
CA GLN A 117 3.22 4.62 -6.49
C GLN A 117 1.76 4.22 -6.32
N ALA A 118 1.06 4.04 -7.43
CA ALA A 118 -0.36 3.70 -7.41
C ALA A 118 -0.50 2.27 -7.85
N TYR A 119 -0.92 1.39 -6.93
CA TYR A 119 -1.06 -0.03 -7.23
C TYR A 119 -2.48 -0.32 -7.67
N TRP A 120 -2.64 -0.81 -8.90
CA TRP A 120 -3.93 -1.21 -9.46
C TRP A 120 -3.67 -1.83 -10.82
N SER A 121 -4.62 -2.63 -11.28
CA SER A 121 -4.67 -3.07 -12.68
C SER A 121 -6.12 -3.36 -13.04
N GLU A 122 -6.34 -3.98 -14.20
CA GLU A 122 -7.71 -4.21 -14.62
C GLU A 122 -8.43 -5.22 -13.72
N VAL A 123 -7.70 -6.00 -12.94
CA VAL A 123 -8.34 -6.89 -11.97
C VAL A 123 -9.05 -6.10 -10.88
N ASN A 124 -8.76 -4.80 -10.77
CA ASN A 124 -9.35 -3.94 -9.75
C ASN A 124 -10.46 -3.07 -10.30
N LEU A 125 -10.83 -3.26 -11.56
CA LEU A 125 -11.89 -2.52 -12.21
C LEU A 125 -13.17 -3.34 -12.17
N SER A 126 -14.22 -2.78 -11.56
CA SER A 126 -15.48 -3.49 -11.45
C SER A 126 -16.62 -2.65 -12.02
N VAL A 127 -17.67 -3.32 -12.48
CA VAL A 127 -18.80 -2.71 -13.16
C VAL A 127 -20.09 -3.32 -12.60
N ARG A 128 -21.20 -2.70 -12.98
CA ARG A 128 -22.53 -3.16 -12.58
C ARG A 128 -22.91 -4.45 -13.31
N MET B 1 6.05 -21.95 -10.90
CA MET B 1 5.45 -20.68 -11.28
C MET B 1 6.52 -19.74 -11.82
N ASN B 2 6.14 -18.85 -12.74
CA ASN B 2 7.10 -17.82 -13.22
C ASN B 2 6.72 -16.52 -12.50
N LEU B 3 7.04 -15.37 -13.10
CA LEU B 3 6.65 -14.10 -12.50
C LEU B 3 5.13 -14.08 -12.40
N PRO B 4 4.56 -13.94 -11.21
CA PRO B 4 3.10 -14.05 -11.08
C PRO B 4 2.40 -13.00 -11.93
N THR B 5 1.38 -13.44 -12.65
CA THR B 5 0.46 -12.52 -13.30
C THR B 5 -0.25 -11.68 -12.23
N ALA B 6 -0.97 -10.64 -12.67
CA ALA B 6 -1.75 -9.86 -11.71
C ALA B 6 -2.67 -10.78 -10.93
N GLN B 7 -3.29 -11.73 -11.63
CA GLN B 7 -4.23 -12.66 -10.96
C GLN B 7 -3.49 -13.56 -9.98
N GLU B 8 -2.29 -14.02 -10.32
CA GLU B 8 -1.55 -14.86 -9.41
C GLU B 8 -1.07 -14.06 -8.21
N VAL B 9 -0.76 -12.78 -8.40
CA VAL B 9 -0.40 -11.94 -7.26
C VAL B 9 -1.58 -11.83 -6.30
N GLN B 10 -2.80 -11.65 -6.81
CA GLN B 10 -3.98 -11.61 -5.95
C GLN B 10 -4.07 -12.88 -5.11
N GLY B 11 -3.87 -14.04 -5.76
CA GLY B 11 -3.93 -15.28 -5.02
C GLY B 11 -2.82 -15.44 -4.00
N LEU B 12 -1.58 -15.09 -4.37
CA LEU B 12 -0.46 -15.28 -3.46
C LEU B 12 -0.59 -14.36 -2.25
N MET B 13 -1.01 -13.12 -2.48
CA MET B 13 -1.08 -12.20 -1.35
C MET B 13 -2.22 -12.56 -0.42
N ALA B 14 -3.35 -13.04 -0.97
CA ALA B 14 -4.43 -13.53 -0.12
C ALA B 14 -4.00 -14.77 0.64
N ARG B 15 -3.26 -15.66 -0.02
CA ARG B 15 -2.72 -16.84 0.64
C ARG B 15 -1.82 -16.44 1.80
N TYR B 16 -1.01 -15.40 1.60
CA TYR B 16 -0.14 -14.95 2.67
C TYR B 16 -0.94 -14.56 3.90
N ILE B 17 -2.05 -13.82 3.71
CA ILE B 17 -2.86 -13.42 4.85
C ILE B 17 -3.50 -14.63 5.52
N GLU B 18 -3.92 -15.61 4.71
CA GLU B 18 -4.50 -16.83 5.25
C GLU B 18 -3.50 -17.55 6.15
N LEU B 19 -2.23 -17.59 5.74
CA LEU B 19 -1.22 -18.26 6.54
C LEU B 19 -0.91 -17.48 7.81
N VAL B 20 -0.87 -16.15 7.74
CA VAL B 20 -0.69 -15.35 8.95
C VAL B 20 -1.84 -15.61 9.93
N ASP B 21 -3.05 -15.67 9.41
CA ASP B 21 -4.22 -15.82 10.27
C ASP B 21 -4.23 -17.17 10.95
N VAL B 22 -3.79 -18.22 10.25
CA VAL B 22 -3.72 -19.53 10.88
C VAL B 22 -2.49 -19.63 11.77
N GLY B 23 -1.44 -18.87 11.47
CA GLY B 23 -0.26 -18.84 12.31
C GLY B 23 0.80 -19.88 11.98
N ASP B 24 0.80 -20.41 10.76
CA ASP B 24 1.80 -21.39 10.35
C ASP B 24 3.06 -20.66 9.91
N ILE B 25 4.03 -20.58 10.82
CA ILE B 25 5.25 -19.82 10.58
C ILE B 25 6.08 -20.46 9.49
N GLU B 26 6.20 -21.79 9.50
CA GLU B 26 7.02 -22.44 8.50
C GLU B 26 6.41 -22.26 7.10
N ALA B 27 5.08 -22.31 7.00
CA ALA B 27 4.44 -22.08 5.71
C ALA B 27 4.65 -20.64 5.24
N ILE B 28 4.61 -19.68 6.17
CA ILE B 28 4.83 -18.28 5.81
C ILE B 28 6.25 -18.09 5.28
N VAL B 29 7.23 -18.67 5.98
CA VAL B 29 8.62 -18.46 5.60
C VAL B 29 8.93 -19.11 4.26
N GLN B 30 8.29 -20.24 3.96
CA GLN B 30 8.49 -20.88 2.66
C GLN B 30 8.03 -19.99 1.51
N MET B 31 7.14 -19.03 1.77
CA MET B 31 6.71 -18.14 0.69
C MET B 31 7.82 -17.19 0.25
N TYR B 32 8.85 -17.01 1.07
CA TYR B 32 9.91 -16.05 0.78
C TYR B 32 11.04 -16.66 -0.03
N ALA B 33 11.60 -15.84 -0.92
CA ALA B 33 12.79 -16.21 -1.65
C ALA B 33 14.02 -16.12 -0.75
N ASP B 34 15.11 -16.76 -1.19
CA ASP B 34 16.37 -16.83 -0.39
C ASP B 34 16.91 -15.45 -0.03
N ASP B 35 16.87 -14.50 -0.96
CA ASP B 35 17.45 -13.15 -0.69
C ASP B 35 16.34 -12.16 -0.34
N ALA B 36 15.23 -12.65 0.20
CA ALA B 36 14.12 -11.76 0.49
C ALA B 36 14.48 -10.77 1.60
N THR B 37 13.87 -9.60 1.56
CA THR B 37 13.98 -8.63 2.63
C THR B 37 12.60 -8.31 3.17
N VAL B 38 12.55 -8.04 4.48
CA VAL B 38 11.33 -7.67 5.17
C VAL B 38 11.54 -6.33 5.84
N GLU B 39 10.66 -5.37 5.55
CA GLU B 39 10.67 -4.09 6.22
C GLU B 39 9.33 -3.94 6.91
N ASP B 40 9.31 -4.10 8.23
CA ASP B 40 8.06 -4.21 8.97
C ASP B 40 8.30 -3.76 10.40
N PRO B 41 7.86 -2.57 10.79
CA PRO B 41 7.14 -1.64 9.91
C PRO B 41 8.05 -0.94 8.93
N PHE B 42 7.53 -0.56 7.78
CA PHE B 42 8.31 0.25 6.86
C PHE B 42 8.88 1.46 7.59
N GLY B 43 10.15 1.74 7.34
CA GLY B 43 10.92 2.71 8.10
C GLY B 43 11.96 2.09 9.00
N GLN B 44 11.83 0.80 9.31
N GLN B 44 11.82 0.80 9.31
CA GLN B 44 12.83 0.08 10.06
CA GLN B 44 12.85 0.10 10.06
C GLN B 44 13.81 -0.58 9.09
C GLN B 44 13.81 -0.57 9.08
N PRO B 45 15.04 -0.88 9.53
CA PRO B 45 16.01 -1.52 8.62
C PRO B 45 15.51 -2.86 8.12
N PRO B 46 15.82 -3.22 6.88
CA PRO B 46 15.34 -4.49 6.35
C PRO B 46 15.94 -5.68 7.08
N ILE B 47 15.09 -6.66 7.33
CA ILE B 47 15.51 -7.98 7.81
C ILE B 47 15.84 -8.83 6.60
N HIS B 48 16.97 -9.55 6.68
CA HIS B 48 17.37 -10.45 5.61
C HIS B 48 17.82 -11.76 6.23
N GLY B 49 17.78 -12.81 5.42
CA GLY B 49 18.15 -14.13 5.89
C GLY B 49 16.92 -14.92 6.28
N ARG B 50 16.80 -16.12 5.73
CA ARG B 50 15.61 -16.93 5.98
C ARG B 50 15.40 -17.18 7.48
N GLU B 51 16.48 -17.41 8.22
N GLU B 51 16.48 -17.41 8.22
CA GLU B 51 16.35 -17.67 9.64
CA GLU B 51 16.34 -17.67 9.65
C GLU B 51 15.92 -16.43 10.40
C GLU B 51 15.91 -16.42 10.40
N GLN B 52 16.40 -15.26 9.98
CA GLN B 52 15.98 -14.01 10.64
C GLN B 52 14.51 -13.72 10.36
N ILE B 53 14.04 -14.04 9.14
CA ILE B 53 12.63 -13.86 8.81
C ILE B 53 11.77 -14.82 9.63
N ALA B 54 12.24 -16.08 9.81
CA ALA B 54 11.48 -16.99 10.66
C ALA B 54 11.41 -16.50 12.10
N ALA B 55 12.54 -15.99 12.62
CA ALA B 55 12.56 -15.49 13.99
C ALA B 55 11.64 -14.27 14.12
N PHE B 56 11.61 -13.43 13.10
CA PHE B 56 10.72 -12.28 13.09
C PHE B 56 9.27 -12.72 13.24
N TYR B 57 8.85 -13.69 12.42
CA TYR B 57 7.47 -14.16 12.48
C TYR B 57 7.18 -14.92 13.76
N ARG B 58 8.18 -15.64 14.29
CA ARG B 58 7.97 -16.30 15.57
C ARG B 58 7.72 -15.30 16.68
N GLN B 59 8.48 -14.21 16.70
CA GLN B 59 8.29 -13.19 17.73
C GLN B 59 6.90 -12.57 17.63
N GLY B 60 6.41 -12.34 16.42
CA GLY B 60 5.13 -11.69 16.25
C GLY B 60 3.93 -12.60 16.40
N LEU B 61 4.03 -13.84 15.92
CA LEU B 61 2.88 -14.73 15.86
C LEU B 61 2.97 -15.90 16.83
N GLY B 62 4.12 -16.08 17.46
CA GLY B 62 4.40 -17.22 18.35
C GLY B 62 3.32 -17.57 19.34
N GLY B 63 2.60 -16.58 19.87
CA GLY B 63 1.60 -16.82 20.89
C GLY B 63 0.37 -17.57 20.40
N GLY B 64 0.11 -17.54 19.09
CA GLY B 64 -1.00 -18.27 18.52
C GLY B 64 -2.31 -17.51 18.45
N LYS B 65 -2.46 -16.42 19.21
CA LYS B 65 -3.73 -15.70 19.32
C LYS B 65 -3.72 -14.40 18.53
N VAL B 66 -3.06 -14.39 17.37
CA VAL B 66 -3.14 -13.28 16.42
C VAL B 66 -4.03 -13.70 15.27
N ARG B 67 -4.97 -12.84 14.89
N ARG B 67 -4.94 -12.82 14.87
CA ARG B 67 -5.78 -13.06 13.70
CA ARG B 67 -5.80 -13.05 13.71
C ARG B 67 -5.46 -11.98 12.67
C ARG B 67 -5.58 -11.94 12.68
N ALA B 68 -5.78 -12.29 11.41
CA ALA B 68 -5.52 -11.35 10.32
C ALA B 68 -6.52 -11.58 9.20
N CYS B 69 -7.07 -10.50 8.66
CA CYS B 69 -8.05 -10.62 7.58
CA CYS B 69 -8.01 -10.64 7.56
C CYS B 69 -7.91 -9.43 6.65
N LEU B 70 -8.04 -9.69 5.35
CA LEU B 70 -8.12 -8.61 4.37
C LEU B 70 -9.30 -7.71 4.69
N THR B 71 -9.09 -6.41 4.53
CA THR B 71 -10.16 -5.41 4.68
C THR B 71 -10.43 -4.69 3.37
N GLY B 72 -9.97 -5.27 2.27
CA GLY B 72 -10.24 -4.82 0.92
C GLY B 72 -9.48 -5.69 -0.05
N PRO B 73 -9.71 -5.48 -1.35
CA PRO B 73 -9.11 -6.37 -2.35
C PRO B 73 -7.62 -6.13 -2.51
N VAL B 74 -6.92 -7.19 -2.91
CA VAL B 74 -5.53 -7.05 -3.31
C VAL B 74 -5.45 -6.22 -4.58
N ARG B 75 -4.58 -5.20 -4.57
CA ARG B 75 -4.28 -4.45 -5.79
C ARG B 75 -3.03 -5.06 -6.40
N ALA B 76 -3.13 -5.49 -7.66
CA ALA B 76 -2.03 -6.22 -8.28
C ALA B 76 -1.54 -5.52 -9.53
N SER B 77 -0.23 -5.50 -9.70
N SER B 77 -0.23 -5.51 -9.70
CA SER B 77 0.42 -4.90 -10.87
CA SER B 77 0.42 -4.91 -10.87
C SER B 77 0.61 -5.97 -11.93
C SER B 77 0.83 -6.01 -11.84
N HIS B 78 1.25 -5.59 -13.04
CA HIS B 78 1.68 -6.53 -14.05
C HIS B 78 3.18 -6.77 -14.04
N ASN B 79 3.87 -6.28 -13.01
CA ASN B 79 5.29 -6.57 -12.84
C ASN B 79 5.54 -7.39 -11.57
N GLY B 80 4.59 -8.23 -11.18
CA GLY B 80 4.77 -9.15 -10.07
C GLY B 80 4.70 -8.52 -8.70
N CYS B 81 4.09 -7.35 -8.59
CA CYS B 81 3.95 -6.64 -7.32
C CYS B 81 2.49 -6.46 -6.97
N GLY B 82 2.24 -6.17 -5.70
CA GLY B 82 0.90 -5.79 -5.31
C GLY B 82 0.88 -5.19 -3.93
N ALA B 83 -0.30 -4.75 -3.52
CA ALA B 83 -0.47 -4.10 -2.22
C ALA B 83 -1.85 -4.48 -1.72
N MET B 84 -1.98 -4.65 -0.41
CA MET B 84 -3.24 -5.11 0.15
C MET B 84 -3.49 -4.51 1.52
N PRO B 85 -4.74 -4.17 1.85
CA PRO B 85 -5.06 -3.69 3.20
C PRO B 85 -5.61 -4.81 4.06
N PHE B 86 -5.18 -4.86 5.31
CA PHE B 86 -5.70 -5.88 6.21
C PHE B 86 -5.67 -5.36 7.63
N ARG B 87 -6.30 -6.12 8.52
CA ARG B 87 -6.37 -5.75 9.92
C ARG B 87 -5.93 -6.96 10.74
N VAL B 88 -5.06 -6.74 11.72
N VAL B 88 -5.07 -6.70 11.71
CA VAL B 88 -4.63 -7.81 12.61
CA VAL B 88 -4.57 -7.69 12.66
C VAL B 88 -5.19 -7.55 14.00
C VAL B 88 -5.32 -7.51 13.97
N GLU B 89 -5.66 -8.61 14.63
CA GLU B 89 -6.27 -8.57 15.95
C GLU B 89 -5.36 -9.30 16.92
N MET B 90 -5.06 -8.67 18.05
CA MET B 90 -4.13 -9.25 19.01
C MET B 90 -4.38 -8.63 20.38
N VAL B 91 -3.63 -9.10 21.37
CA VAL B 91 -3.71 -8.62 22.75
C VAL B 91 -2.44 -7.83 23.07
N TRP B 92 -2.61 -6.60 23.58
CA TRP B 92 -1.46 -5.81 23.99
C TRP B 92 -1.84 -4.90 25.16
N ASN B 93 -0.88 -4.66 26.05
CA ASN B 93 -1.09 -3.90 27.29
C ASN B 93 -2.32 -4.41 28.03
N GLY B 94 -2.51 -5.73 28.04
CA GLY B 94 -3.68 -6.32 28.65
C GLY B 94 -4.99 -5.97 27.99
N GLN B 95 -4.96 -5.45 26.76
CA GLN B 95 -6.15 -5.04 26.04
C GLN B 95 -6.27 -5.78 24.71
N PRO B 96 -7.46 -6.23 24.34
CA PRO B 96 -7.67 -6.67 22.95
C PRO B 96 -7.55 -5.48 22.01
N CYS B 97 -6.73 -5.65 20.97
CA CYS B 97 -6.30 -4.55 20.12
C CYS B 97 -6.50 -4.94 18.67
N ALA B 98 -6.53 -3.92 17.81
CA ALA B 98 -6.51 -4.11 16.37
C ALA B 98 -5.45 -3.21 15.77
N LEU B 99 -4.84 -3.67 14.68
CA LEU B 99 -3.85 -2.88 13.96
C LEU B 99 -4.14 -2.95 12.47
N ASP B 100 -4.28 -1.80 11.84
CA ASP B 100 -4.51 -1.71 10.40
C ASP B 100 -3.18 -1.60 9.67
N VAL B 101 -3.00 -2.43 8.63
CA VAL B 101 -1.72 -2.58 7.94
C VAL B 101 -1.99 -2.61 6.45
N ILE B 102 -1.03 -2.09 5.67
CA ILE B 102 -0.98 -2.35 4.23
C ILE B 102 0.37 -2.99 3.94
N ASP B 103 0.34 -4.16 3.28
CA ASP B 103 1.56 -4.82 2.84
C ASP B 103 1.77 -4.57 1.36
N VAL B 104 2.99 -4.16 1.00
CA VAL B 104 3.43 -4.04 -0.39
C VAL B 104 4.45 -5.14 -0.65
N MET B 105 4.21 -5.94 -1.69
CA MET B 105 5.06 -7.10 -1.94
C MET B 105 5.52 -7.16 -3.38
N ARG B 106 6.77 -7.57 -3.59
CA ARG B 106 7.28 -7.88 -4.91
C ARG B 106 7.64 -9.35 -4.94
N PHE B 107 7.19 -10.03 -5.98
CA PHE B 107 7.47 -11.45 -6.17
C PHE B 107 8.53 -11.63 -7.26
N ASP B 108 9.30 -12.72 -7.15
CA ASP B 108 10.33 -13.00 -8.14
C ASP B 108 9.73 -13.88 -9.26
N GLU B 109 10.60 -14.29 -10.18
CA GLU B 109 10.20 -15.09 -11.37
C GLU B 109 9.87 -16.54 -10.99
N HIS B 110 9.90 -16.86 -9.69
CA HIS B 110 9.51 -18.17 -9.20
C HIS B 110 8.25 -18.10 -8.35
N GLY B 111 7.65 -16.92 -8.20
CA GLY B 111 6.48 -16.79 -7.37
C GLY B 111 6.75 -16.70 -5.88
N ARG B 112 7.99 -16.45 -5.49
CA ARG B 112 8.34 -16.29 -4.09
C ARG B 112 8.50 -14.81 -3.75
N ILE B 113 8.30 -14.48 -2.48
CA ILE B 113 8.37 -13.08 -2.05
C ILE B 113 9.81 -12.62 -2.09
N GLN B 114 10.09 -11.58 -2.88
CA GLN B 114 11.39 -10.94 -2.93
C GLN B 114 11.50 -9.79 -1.94
N THR B 115 10.47 -8.94 -1.88
CA THR B 115 10.48 -7.80 -0.92
C THR B 115 9.11 -7.65 -0.25
N MET B 116 9.12 -7.47 1.07
N MET B 116 9.13 -7.46 1.08
CA MET B 116 7.87 -7.29 1.84
CA MET B 116 7.89 -7.29 1.87
C MET B 116 7.97 -6.00 2.66
C MET B 116 7.98 -5.99 2.67
N GLN B 117 7.04 -5.07 2.42
CA GLN B 117 7.02 -3.78 3.14
C GLN B 117 5.66 -3.64 3.83
N ALA B 118 5.67 -3.56 5.16
CA ALA B 118 4.43 -3.48 5.93
C ALA B 118 4.29 -2.06 6.44
N TYR B 119 3.34 -1.33 5.88
CA TYR B 119 3.09 0.05 6.28
C TYR B 119 2.11 0.09 7.45
N TRP B 120 2.55 0.64 8.57
CA TRP B 120 1.71 0.84 9.75
C TRP B 120 2.54 1.56 10.81
N SER B 121 1.85 2.19 11.75
N SER B 121 1.84 2.22 11.72
CA SER B 121 2.51 2.72 12.92
CA SER B 121 2.47 2.83 12.88
C SER B 121 1.51 2.74 14.05
C SER B 121 1.51 2.73 14.06
N GLU B 122 1.91 3.32 15.18
CA GLU B 122 1.05 3.33 16.34
C GLU B 122 -0.24 4.12 16.09
N VAL B 123 -0.24 5.06 15.13
CA VAL B 123 -1.49 5.72 14.78
C VAL B 123 -2.52 4.75 14.25
N ASN B 124 -2.10 3.54 13.85
CA ASN B 124 -3.00 2.54 13.27
C ASN B 124 -3.44 1.51 14.30
N LEU B 125 -3.08 1.71 15.55
CA LEU B 125 -3.43 0.82 16.65
C LEU B 125 -4.72 1.30 17.31
N SER B 126 -5.61 0.35 17.59
CA SER B 126 -6.87 0.69 18.24
C SER B 126 -7.18 -0.35 19.30
N VAL B 127 -8.01 0.06 20.27
CA VAL B 127 -8.50 -0.83 21.32
C VAL B 127 -9.90 -1.28 20.93
N ARG B 128 -10.12 -2.59 20.91
CA ARG B 128 -11.43 -3.13 20.60
C ARG B 128 -12.28 -3.31 21.86
#